data_6O2D
#
_entry.id   6O2D
#
_cell.length_a   55.160
_cell.length_b   55.160
_cell.length_c   206.640
_cell.angle_alpha   90.00
_cell.angle_beta   90.00
_cell.angle_gamma   90.00
#
_symmetry.space_group_name_H-M   'P 41 21 2'
#
loop_
_entity.id
_entity.type
_entity.pdbx_description
1 polymer 'Inner kinetochore subunit cnp3'
2 water water
#
_entity_poly.entity_id   1
_entity_poly.type   'polypeptide(L)'
_entity_poly.pdbx_seq_one_letter_code
;SNANDVEEYDAFYKDEINCEVLSWNEQNPKASEERVVGYSLPSVNLQQISNQQLKFASLFKEEPSFAAGVVE(MSE)PAG
AEKPVKPSKHNI(MSE)SFCILQGKIEVTVNATTFR(MSE)KKDGVFIVPRGNYYSIKNIGKEAVRLYYTHATDTLENKR
RGIGDFPNER
;
_entity_poly.pdbx_strand_id   A,B
#
# COMPACT_ATOMS: atom_id res chain seq x y z
N TYR A 13 -12.13 -11.46 12.30
CA TYR A 13 -13.19 -11.37 13.30
C TYR A 13 -13.58 -9.93 13.63
N LYS A 14 -12.75 -9.22 14.41
CA LYS A 14 -13.09 -7.87 14.84
C LYS A 14 -13.11 -6.91 13.65
N ASP A 15 -14.01 -5.92 13.72
CA ASP A 15 -14.20 -4.97 12.62
C ASP A 15 -13.18 -3.83 12.68
N GLU A 16 -12.96 -3.27 13.86
CA GLU A 16 -11.91 -2.31 14.11
C GLU A 16 -11.00 -2.90 15.18
N ILE A 17 -9.69 -2.72 15.02
CA ILE A 17 -8.72 -3.24 15.97
C ILE A 17 -7.91 -2.08 16.50
N ASN A 18 -8.14 -1.77 17.77
CA ASN A 18 -7.37 -0.76 18.47
C ASN A 18 -6.21 -1.42 19.21
N CYS A 19 -5.12 -0.66 19.35
CA CYS A 19 -3.89 -1.19 19.91
C CYS A 19 -3.07 -0.05 20.48
N GLU A 20 -2.23 -0.38 21.46
CA GLU A 20 -1.30 0.58 22.04
C GLU A 20 0.01 0.50 21.28
N VAL A 21 0.47 1.64 20.73
CA VAL A 21 1.65 1.65 19.87
C VAL A 21 2.61 2.71 20.34
N LEU A 22 3.91 2.46 20.14
CA LEU A 22 4.91 3.48 20.43
C LEU A 22 4.93 4.52 19.34
N SER A 23 5.41 5.70 19.67
CA SER A 23 5.16 6.88 18.88
C SER A 23 6.31 7.23 17.93
N TRP A 24 7.48 6.60 18.04
CA TRP A 24 8.66 7.03 17.27
C TRP A 24 8.91 8.53 17.48
N ASN A 25 8.73 8.97 18.73
CA ASN A 25 8.89 10.37 19.10
C ASN A 25 10.35 10.75 19.26
N PRO A 29 11.19 9.16 23.34
CA PRO A 29 11.04 8.13 22.30
C PRO A 29 10.12 6.99 22.72
N LYS A 30 9.77 6.93 23.99
CA LYS A 30 8.97 5.83 24.54
C LYS A 30 7.50 6.20 24.78
N ALA A 31 7.09 7.40 24.39
CA ALA A 31 5.68 7.75 24.46
C ALA A 31 4.86 6.83 23.56
N SER A 32 3.58 6.69 23.89
CA SER A 32 2.75 5.66 23.28
C SER A 32 1.34 6.19 23.04
N GLU A 33 0.59 5.47 22.20
CA GLU A 33 -0.77 5.93 21.96
C GLU A 33 -1.75 4.76 21.85
N GLU A 34 -2.98 5.21 21.81
CA GLU A 34 -4.17 4.48 21.40
C GLU A 34 -4.34 4.78 19.91
N ARG A 35 -4.32 3.78 19.04
CA ARG A 35 -4.69 4.03 17.64
C ARG A 35 -5.24 2.77 16.97
N VAL A 36 -6.17 2.98 16.04
CA VAL A 36 -6.77 1.89 15.27
C VAL A 36 -5.74 1.41 14.25
N VAL A 37 -5.25 0.18 14.42
CA VAL A 37 -4.19 -0.35 13.56
C VAL A 37 -4.70 -1.45 12.64
N GLY A 38 -6.00 -1.72 12.63
CA GLY A 38 -6.52 -2.77 11.78
C GLY A 38 -7.99 -2.62 11.49
N TYR A 39 -8.39 -2.95 10.26
CA TYR A 39 -9.77 -2.84 9.84
C TYR A 39 -10.15 -4.07 9.00
N SER A 40 -11.41 -4.47 9.11
CA SER A 40 -12.00 -5.40 8.16
C SER A 40 -12.73 -4.57 7.11
N LEU A 41 -12.18 -4.51 5.90
CA LEU A 41 -12.75 -3.65 4.86
C LEU A 41 -14.23 -3.85 4.60
N PRO A 42 -14.77 -5.08 4.55
CA PRO A 42 -16.22 -5.23 4.33
C PRO A 42 -17.09 -4.46 5.32
N SER A 43 -16.63 -4.24 6.54
CA SER A 43 -17.42 -3.54 7.54
C SER A 43 -17.08 -2.06 7.62
N VAL A 44 -16.26 -1.57 6.71
CA VAL A 44 -15.92 -0.15 6.71
C VAL A 44 -17.03 0.62 6.01
N ASN A 45 -17.54 1.66 6.68
CA ASN A 45 -18.54 2.52 6.08
C ASN A 45 -17.88 3.50 5.12
N LEU A 46 -18.53 3.71 3.97
CA LEU A 46 -17.95 4.49 2.90
C LEU A 46 -18.68 5.83 2.75
N GLN A 47 -18.05 6.73 2.00
CA GLN A 47 -18.47 8.12 1.93
C GLN A 47 -18.66 8.54 0.48
N GLN A 48 -19.55 9.49 0.26
CA GLN A 48 -19.70 10.11 -1.06
C GLN A 48 -19.99 11.60 -1.01
N GLN A 53 -20.07 9.78 -7.54
CA GLN A 53 -19.70 8.60 -8.32
C GLN A 53 -19.23 7.46 -7.42
N LEU A 54 -17.93 7.46 -7.12
CA LEU A 54 -17.34 6.41 -6.31
C LEU A 54 -17.42 6.75 -4.81
N LYS A 55 -17.24 5.73 -3.99
CA LYS A 55 -17.27 5.85 -2.53
C LYS A 55 -15.93 5.41 -1.94
N PHE A 56 -15.58 5.94 -0.77
CA PHE A 56 -14.26 5.71 -0.20
C PHE A 56 -14.27 5.86 1.31
N ALA A 57 -13.20 5.38 1.94
CA ALA A 57 -12.95 5.66 3.35
C ALA A 57 -11.45 5.67 3.59
N SER A 58 -10.98 6.72 4.28
CA SER A 58 -9.59 6.81 4.73
C SER A 58 -9.43 6.01 6.02
N LEU A 59 -8.50 5.06 6.04
CA LEU A 59 -8.31 4.18 7.19
C LEU A 59 -7.09 4.53 8.03
N PHE A 60 -5.91 4.55 7.42
CA PHE A 60 -4.66 4.81 8.12
C PHE A 60 -4.02 6.07 7.58
N LYS A 61 -3.67 6.98 8.49
CA LYS A 61 -2.95 8.20 8.14
C LYS A 61 -1.72 8.30 9.01
N GLU A 62 -0.54 8.43 8.39
CA GLU A 62 0.66 8.81 9.14
C GLU A 62 1.27 10.02 8.42
N GLU A 63 0.67 11.18 8.68
CA GLU A 63 1.05 12.47 8.11
C GLU A 63 2.54 12.70 8.30
N PRO A 64 3.21 13.26 7.27
CA PRO A 64 2.76 13.58 5.91
C PRO A 64 3.16 12.55 4.85
N SER A 65 3.78 11.43 5.28
CA SER A 65 4.44 10.53 4.33
C SER A 65 3.55 9.42 3.79
N PHE A 66 2.52 8.98 4.52
CA PHE A 66 1.80 7.78 4.10
C PHE A 66 0.32 7.89 4.45
N ALA A 67 -0.51 7.34 3.56
CA ALA A 67 -1.94 7.19 3.80
C ALA A 67 -2.42 5.91 3.13
N ALA A 68 -3.49 5.33 3.67
CA ALA A 68 -4.09 4.14 3.07
C ALA A 68 -5.58 4.15 3.30
N GLY A 69 -6.32 3.51 2.41
CA GLY A 69 -7.76 3.47 2.55
C GLY A 69 -8.39 2.44 1.65
N VAL A 70 -9.70 2.55 1.53
CA VAL A 70 -10.50 1.63 0.71
C VAL A 70 -11.43 2.45 -0.18
N VAL A 71 -11.55 2.04 -1.44
CA VAL A 71 -12.45 2.67 -2.41
C VAL A 71 -13.35 1.61 -3.02
N GLU A 72 -14.63 1.94 -3.22
CA GLU A 72 -15.58 1.09 -3.92
C GLU A 72 -16.19 1.84 -5.10
N MSE A 73 -16.00 1.31 -6.30
CA MSE A 73 -16.75 1.83 -7.46
C MSE A 73 -17.85 0.87 -7.91
O MSE A 73 -17.61 -0.32 -8.14
CB MSE A 73 -15.83 2.08 -8.67
CG MSE A 73 -14.58 2.89 -8.44
SE MSE A 73 -13.13 2.42 -9.67
CE MSE A 73 -13.65 3.40 -11.27
N PRO A 74 -19.06 1.39 -8.08
CA PRO A 74 -20.16 0.56 -8.60
C PRO A 74 -19.98 0.23 -10.08
N ALA A 75 -20.83 -0.66 -10.57
CA ALA A 75 -20.74 -1.10 -11.95
C ALA A 75 -20.98 0.08 -12.90
N GLY A 76 -20.11 0.18 -13.90
CA GLY A 76 -20.16 1.28 -14.86
C GLY A 76 -19.64 2.60 -14.33
N ALA A 77 -18.92 2.60 -13.22
CA ALA A 77 -18.37 3.83 -12.65
C ALA A 77 -17.03 4.16 -13.29
N GLU A 78 -16.77 5.46 -13.44
CA GLU A 78 -15.56 5.97 -14.08
C GLU A 78 -15.01 7.13 -13.25
N LYS A 79 -13.81 6.97 -12.70
CA LYS A 79 -13.17 8.09 -12.03
C LYS A 79 -12.44 8.95 -13.05
N PRO A 80 -12.82 10.21 -13.25
CA PRO A 80 -12.17 11.02 -14.29
C PRO A 80 -10.71 11.29 -13.97
N VAL A 81 -9.96 11.61 -15.04
CA VAL A 81 -8.51 11.77 -14.92
C VAL A 81 -8.18 12.88 -13.93
N LYS A 82 -7.24 12.58 -13.05
CA LYS A 82 -6.70 13.52 -12.08
C LYS A 82 -5.21 13.29 -11.99
N PRO A 83 -4.43 14.31 -11.60
CA PRO A 83 -2.98 14.13 -11.48
C PRO A 83 -2.55 13.58 -10.14
N SER A 84 -1.53 12.71 -10.19
CA SER A 84 -0.93 12.16 -8.98
C SER A 84 0.02 13.15 -8.31
N LYS A 85 0.52 14.14 -9.04
CA LYS A 85 1.40 15.20 -8.52
C LYS A 85 2.58 14.52 -7.80
N HIS A 86 2.87 14.89 -6.55
CA HIS A 86 4.06 14.42 -5.85
C HIS A 86 3.82 13.12 -5.07
N ASN A 87 2.68 12.47 -5.25
CA ASN A 87 2.37 11.25 -4.53
C ASN A 87 2.54 10.01 -5.41
N ILE A 88 3.06 8.96 -4.81
CA ILE A 88 3.04 7.61 -5.38
C ILE A 88 1.78 6.94 -4.90
N MSE A 89 0.96 6.46 -5.82
CA MSE A 89 -0.20 5.68 -5.41
C MSE A 89 -0.07 4.25 -5.86
O MSE A 89 0.46 3.97 -6.92
CB MSE A 89 -1.48 6.31 -5.94
CG MSE A 89 -1.79 7.66 -5.34
SE MSE A 89 -2.58 8.81 -6.64
CE MSE A 89 -4.45 8.56 -6.34
N SER A 90 -0.56 3.34 -5.01
CA SER A 90 -0.60 1.92 -5.31
C SER A 90 -2.00 1.44 -5.01
N PHE A 91 -2.48 0.47 -5.79
CA PHE A 91 -3.82 -0.06 -5.67
C PHE A 91 -3.74 -1.58 -5.70
N CYS A 92 -4.47 -2.21 -4.79
CA CYS A 92 -4.63 -3.66 -4.75
C CYS A 92 -6.11 -3.98 -4.97
N ILE A 93 -6.41 -4.84 -5.93
CA ILE A 93 -7.78 -5.09 -6.35
C ILE A 93 -8.34 -6.27 -5.57
N LEU A 94 -9.35 -6.01 -4.74
CA LEU A 94 -9.97 -7.07 -3.97
C LEU A 94 -11.15 -7.69 -4.69
N GLN A 95 -11.81 -6.93 -5.56
CA GLN A 95 -12.99 -7.42 -6.24
C GLN A 95 -13.22 -6.58 -7.49
N GLY A 96 -13.71 -7.23 -8.54
CA GLY A 96 -14.14 -6.56 -9.75
C GLY A 96 -13.11 -6.65 -10.88
N LYS A 97 -13.40 -5.91 -11.94
CA LYS A 97 -12.52 -5.78 -13.09
C LYS A 97 -12.49 -4.32 -13.53
N ILE A 98 -11.28 -3.81 -13.80
CA ILE A 98 -11.10 -2.40 -14.09
C ILE A 98 -10.26 -2.22 -15.35
N GLU A 99 -10.44 -1.06 -15.95
CA GLU A 99 -9.56 -0.55 -17.00
C GLU A 99 -8.89 0.71 -16.46
N VAL A 100 -7.56 0.76 -16.54
CA VAL A 100 -6.79 1.83 -15.93
C VAL A 100 -6.04 2.57 -17.03
N THR A 101 -6.12 3.89 -17.01
CA THR A 101 -5.36 4.75 -17.90
C THR A 101 -4.32 5.48 -17.07
N VAL A 102 -3.05 5.26 -17.39
CA VAL A 102 -1.94 6.02 -16.83
C VAL A 102 -1.17 6.62 -18.01
N ASN A 103 -1.20 7.95 -18.12
CA ASN A 103 -0.45 8.67 -19.16
C ASN A 103 -0.88 8.23 -20.56
N ALA A 104 -2.20 8.20 -20.77
CA ALA A 104 -2.81 7.88 -22.07
C ALA A 104 -2.52 6.45 -22.54
N THR A 105 -2.06 5.57 -21.65
CA THR A 105 -1.97 4.14 -21.92
C THR A 105 -2.98 3.41 -21.04
N THR A 106 -3.82 2.56 -21.65
CA THR A 106 -4.86 1.87 -20.90
C THR A 106 -4.55 0.38 -20.82
N PHE A 107 -4.85 -0.22 -19.67
CA PHE A 107 -4.61 -1.63 -19.41
C PHE A 107 -5.72 -2.13 -18.51
N ARG A 108 -6.01 -3.42 -18.62
CA ARG A 108 -7.08 -4.06 -17.88
C ARG A 108 -6.53 -4.93 -16.77
N MSE A 109 -7.21 -4.90 -15.62
CA MSE A 109 -6.79 -5.68 -14.48
C MSE A 109 -7.98 -6.14 -13.69
O MSE A 109 -9.09 -5.60 -13.85
CB MSE A 109 -5.84 -4.87 -13.60
CG MSE A 109 -4.44 -4.93 -14.13
SE MSE A 109 -3.29 -4.00 -12.91
CE MSE A 109 -1.93 -5.36 -12.79
N LYS A 110 -7.78 -7.14 -12.84
CA LYS A 110 -8.88 -7.77 -12.13
C LYS A 110 -8.40 -8.16 -10.73
N LYS A 111 -9.18 -9.03 -10.09
CA LYS A 111 -8.94 -9.37 -8.70
C LYS A 111 -7.55 -9.95 -8.52
N ASP A 112 -6.87 -9.51 -7.46
CA ASP A 112 -5.51 -9.93 -7.08
C ASP A 112 -4.45 -9.33 -7.99
N GLY A 113 -4.80 -8.29 -8.70
CA GLY A 113 -3.85 -7.49 -9.45
C GLY A 113 -3.50 -6.24 -8.65
N VAL A 114 -2.27 -5.77 -8.82
CA VAL A 114 -1.85 -4.53 -8.18
C VAL A 114 -1.21 -3.64 -9.24
N PHE A 115 -1.45 -2.34 -9.13
CA PHE A 115 -0.82 -1.38 -10.00
C PHE A 115 -0.47 -0.12 -9.21
N ILE A 116 0.51 0.60 -9.73
CA ILE A 116 1.02 1.83 -9.15
C ILE A 116 0.76 2.98 -10.12
N VAL A 117 0.54 4.17 -9.59
CA VAL A 117 0.54 5.37 -10.43
C VAL A 117 1.72 6.24 -10.03
N PRO A 118 2.79 6.25 -10.82
CA PRO A 118 3.98 7.03 -10.46
C PRO A 118 3.69 8.52 -10.32
N ARG A 119 4.60 9.20 -9.65
CA ARG A 119 4.51 10.64 -9.48
C ARG A 119 4.53 11.39 -10.81
N GLY A 120 3.80 12.50 -10.85
CA GLY A 120 3.81 13.38 -12.00
C GLY A 120 3.07 12.87 -13.23
N ASN A 121 2.04 12.08 -13.03
CA ASN A 121 1.32 11.49 -14.14
C ASN A 121 -0.18 11.70 -13.97
N TYR A 122 -0.91 11.39 -15.03
CA TYR A 122 -2.36 11.52 -15.05
C TYR A 122 -2.93 10.12 -15.16
N TYR A 123 -4.01 9.87 -14.43
CA TYR A 123 -4.57 8.54 -14.36
C TYR A 123 -6.08 8.62 -14.21
N SER A 124 -6.75 7.57 -14.67
CA SER A 124 -8.18 7.42 -14.47
C SER A 124 -8.46 5.92 -14.30
N ILE A 125 -9.59 5.61 -13.68
CA ILE A 125 -10.00 4.23 -13.43
C ILE A 125 -11.45 4.08 -13.82
N LYS A 126 -11.75 2.97 -14.49
CA LYS A 126 -13.12 2.68 -14.92
C LYS A 126 -13.48 1.24 -14.59
N ASN A 127 -14.66 1.04 -14.02
CA ASN A 127 -15.18 -0.31 -13.77
C ASN A 127 -15.75 -0.87 -15.08
N ILE A 128 -15.17 -1.96 -15.56
CA ILE A 128 -15.58 -2.59 -16.83
C ILE A 128 -16.34 -3.88 -16.59
N GLY A 129 -16.78 -4.14 -15.35
CA GLY A 129 -17.43 -5.38 -15.01
C GLY A 129 -18.80 -5.14 -14.39
N LYS A 130 -19.45 -6.24 -14.02
CA LYS A 130 -20.80 -6.14 -13.46
C LYS A 130 -20.83 -6.28 -11.95
N GLU A 131 -19.71 -6.63 -11.33
CA GLU A 131 -19.53 -6.50 -9.90
C GLU A 131 -19.00 -5.11 -9.57
N ALA A 132 -19.36 -4.62 -8.39
CA ALA A 132 -18.73 -3.41 -7.88
C ALA A 132 -17.25 -3.69 -7.66
N VAL A 133 -16.42 -2.69 -7.89
CA VAL A 133 -14.98 -2.83 -7.73
C VAL A 133 -14.60 -2.29 -6.37
N ARG A 134 -13.65 -2.97 -5.71
CA ARG A 134 -13.17 -2.59 -4.39
C ARG A 134 -11.66 -2.61 -4.41
N LEU A 135 -11.06 -1.51 -3.95
CA LEU A 135 -9.61 -1.38 -3.93
C LEU A 135 -9.11 -1.00 -2.55
N TYR A 136 -7.95 -1.56 -2.19
CA TYR A 136 -7.15 -1.06 -1.10
C TYR A 136 -6.09 -0.17 -1.74
N TYR A 137 -6.06 1.10 -1.34
CA TYR A 137 -5.10 2.04 -1.90
C TYR A 137 -4.13 2.50 -0.82
N THR A 138 -2.94 2.89 -1.25
CA THR A 138 -1.97 3.59 -0.44
C THR A 138 -1.44 4.74 -1.26
N HIS A 139 -1.16 5.88 -0.63
CA HIS A 139 -0.34 6.85 -1.32
C HIS A 139 0.76 7.34 -0.41
N ALA A 140 1.91 7.60 -1.02
CA ALA A 140 3.13 7.88 -0.29
C ALA A 140 3.83 9.02 -1.00
N THR A 141 4.68 9.74 -0.27
CA THR A 141 5.37 10.87 -0.85
C THR A 141 6.76 10.97 -0.22
N ASP A 142 7.69 11.57 -0.96
CA ASP A 142 9.07 11.73 -0.51
C ASP A 142 9.19 13.12 0.11
N THR A 143 9.12 13.17 1.46
CA THR A 143 9.02 14.46 2.15
C THR A 143 10.27 15.30 1.96
N LEU A 144 11.45 14.66 1.95
CA LEU A 144 12.68 15.42 1.70
C LEU A 144 12.69 16.02 0.31
N GLU A 145 12.38 15.21 -0.72
CA GLU A 145 12.37 15.70 -2.09
C GLU A 145 11.34 16.80 -2.28
N ASN A 146 10.16 16.65 -1.67
CA ASN A 146 9.15 17.71 -1.73
C ASN A 146 9.69 19.01 -1.17
N LYS A 147 10.44 18.94 -0.08
CA LYS A 147 11.04 20.13 0.51
C LYS A 147 12.09 20.73 -0.44
N ARG A 148 12.84 19.87 -1.15
CA ARG A 148 13.87 20.38 -2.04
C ARG A 148 13.23 21.07 -3.23
N ARG A 149 11.95 20.79 -3.51
CA ARG A 149 11.23 21.30 -4.67
C ARG A 149 10.30 22.47 -4.33
N GLY A 150 10.16 22.82 -3.06
CA GLY A 150 9.32 23.94 -2.67
C GLY A 150 7.85 23.64 -2.48
N ILE A 151 7.51 22.42 -2.08
CA ILE A 151 6.13 21.99 -1.98
C ILE A 151 5.70 22.02 -0.53
N GLY A 152 4.62 22.73 -0.24
CA GLY A 152 4.19 22.90 1.13
C GLY A 152 4.47 24.29 1.68
N ASP A 153 3.52 24.80 2.46
CA ASP A 153 3.66 26.09 3.13
C ASP A 153 4.19 25.88 4.55
N PHE A 154 4.46 27.00 5.24
CA PHE A 154 4.98 26.95 6.60
C PHE A 154 4.02 26.38 7.65
N PRO A 155 2.70 26.28 7.41
CA PRO A 155 1.87 25.53 8.38
C PRO A 155 2.08 24.02 8.29
N ASN A 156 3.12 23.60 7.55
CA ASN A 156 3.41 22.20 7.27
C ASN A 156 2.16 21.42 6.87
N TYR B 9 -12.72 -12.92 -19.97
CA TYR B 9 -11.80 -13.84 -20.63
C TYR B 9 -10.39 -13.66 -20.06
N ASP B 10 -9.83 -14.73 -19.51
CA ASP B 10 -8.56 -14.64 -18.80
C ASP B 10 -7.41 -14.18 -19.69
N ALA B 11 -7.53 -14.36 -21.01
CA ALA B 11 -6.45 -14.02 -21.92
C ALA B 11 -6.28 -12.52 -22.12
N PHE B 12 -7.27 -11.71 -21.75
CA PHE B 12 -7.22 -10.27 -21.98
C PHE B 12 -6.69 -9.49 -20.78
N TYR B 13 -6.17 -10.17 -19.77
CA TYR B 13 -5.68 -9.56 -18.52
C TYR B 13 -4.19 -9.91 -18.38
N LYS B 14 -3.33 -8.97 -18.71
CA LYS B 14 -1.90 -9.23 -18.72
C LYS B 14 -1.36 -9.47 -17.31
N ASP B 15 -0.32 -10.31 -17.23
CA ASP B 15 0.29 -10.68 -15.96
C ASP B 15 1.22 -9.58 -15.46
N GLU B 16 2.00 -8.99 -16.37
CA GLU B 16 2.79 -7.80 -16.10
C GLU B 16 2.40 -6.69 -17.08
N ILE B 17 2.41 -5.46 -16.61
CA ILE B 17 2.03 -4.30 -17.42
C ILE B 17 3.23 -3.36 -17.51
N ASN B 18 3.80 -3.24 -18.70
CA ASN B 18 4.79 -2.21 -18.94
C ASN B 18 4.09 -1.01 -19.54
N CYS B 19 4.58 0.17 -19.20
CA CYS B 19 3.89 1.38 -19.61
C CYS B 19 4.88 2.52 -19.61
N GLU B 20 4.65 3.48 -20.50
CA GLU B 20 5.49 4.66 -20.56
C GLU B 20 4.88 5.72 -19.66
N VAL B 21 5.66 6.21 -18.71
CA VAL B 21 5.17 7.14 -17.71
C VAL B 21 6.07 8.36 -17.73
N LEU B 22 5.51 9.50 -17.32
CA LEU B 22 6.32 10.68 -17.15
C LEU B 22 7.21 10.49 -15.92
N SER B 23 8.33 11.18 -15.91
CA SER B 23 9.42 10.86 -14.99
C SER B 23 9.41 11.71 -13.72
N TRP B 24 8.57 12.74 -13.67
CA TRP B 24 8.59 13.73 -12.58
C TRP B 24 10.00 14.29 -12.41
N ASN B 25 10.67 14.51 -13.54
CA ASN B 25 12.00 15.12 -13.55
C ASN B 25 11.84 16.62 -13.44
N GLU B 26 12.39 17.21 -12.37
CA GLU B 26 12.18 18.64 -12.13
C GLU B 26 12.75 19.47 -13.26
N GLN B 27 13.96 19.12 -13.72
CA GLN B 27 14.57 19.84 -14.82
C GLN B 27 13.76 19.69 -16.10
N ASN B 28 13.44 18.44 -16.48
CA ASN B 28 12.68 18.14 -17.69
C ASN B 28 11.35 17.49 -17.30
N PRO B 29 10.29 18.29 -17.12
CA PRO B 29 9.00 17.73 -16.72
C PRO B 29 8.35 16.86 -17.78
N LYS B 30 8.86 16.88 -19.01
CA LYS B 30 8.28 16.10 -20.09
C LYS B 30 9.08 14.84 -20.39
N ALA B 31 10.20 14.62 -19.69
CA ALA B 31 10.93 13.37 -19.86
C ALA B 31 10.07 12.19 -19.43
N SER B 32 10.36 11.03 -20.02
CA SER B 32 9.50 9.87 -19.87
C SER B 32 10.34 8.61 -19.80
N GLU B 33 9.74 7.54 -19.30
CA GLU B 33 10.42 6.26 -19.21
C GLU B 33 9.40 5.13 -19.34
N GLU B 34 9.90 3.94 -19.62
CA GLU B 34 9.13 2.72 -19.51
C GLU B 34 9.36 2.15 -18.11
N ARG B 35 8.27 1.83 -17.41
CA ARG B 35 8.36 1.22 -16.10
C ARG B 35 7.20 0.25 -15.91
N VAL B 36 7.47 -0.84 -15.20
CA VAL B 36 6.45 -1.85 -14.92
C VAL B 36 5.51 -1.29 -13.85
N VAL B 37 4.27 -1.00 -14.21
CA VAL B 37 3.32 -0.36 -13.31
C VAL B 37 2.20 -1.30 -12.88
N GLY B 38 2.28 -2.58 -13.24
CA GLY B 38 1.25 -3.52 -12.82
C GLY B 38 1.63 -4.98 -12.84
N TYR B 39 1.13 -5.75 -11.86
CA TYR B 39 1.38 -7.18 -11.78
C TYR B 39 0.11 -7.88 -11.34
N SER B 40 -0.10 -9.08 -11.85
CA SER B 40 -1.11 -9.98 -11.32
C SER B 40 -0.40 -10.89 -10.31
N LEU B 41 -0.67 -10.65 -9.01
CA LEU B 41 0.05 -11.36 -7.94
C LEU B 41 0.04 -12.88 -8.07
N PRO B 42 -1.07 -13.56 -8.42
CA PRO B 42 -0.99 -15.02 -8.54
C PRO B 42 0.11 -15.53 -9.47
N SER B 43 0.50 -14.75 -10.49
CA SER B 43 1.49 -15.18 -11.46
C SER B 43 2.90 -14.69 -11.16
N VAL B 44 3.14 -14.07 -10.00
CA VAL B 44 4.46 -13.57 -9.63
C VAL B 44 5.30 -14.69 -9.03
N ASN B 45 6.55 -14.82 -9.52
CA ASN B 45 7.51 -15.74 -8.93
C ASN B 45 8.16 -15.15 -7.69
N LEU B 46 8.29 -15.98 -6.67
CA LEU B 46 8.75 -15.59 -5.35
C LEU B 46 10.08 -16.27 -5.01
N GLN B 47 10.75 -15.74 -3.98
CA GLN B 47 12.06 -16.23 -3.54
C GLN B 47 12.00 -16.50 -2.05
N GLN B 53 10.64 -19.38 6.79
CA GLN B 53 9.90 -19.98 5.68
C GLN B 53 8.75 -19.08 5.24
N LEU B 54 9.09 -18.11 4.41
CA LEU B 54 8.11 -17.29 3.72
C LEU B 54 8.61 -16.90 2.33
N LYS B 55 7.70 -16.37 1.53
CA LYS B 55 7.95 -16.03 0.14
C LYS B 55 7.84 -14.52 0.01
N PHE B 56 8.58 -13.98 -0.93
CA PHE B 56 8.31 -12.59 -1.21
C PHE B 56 8.90 -12.23 -2.57
N ALA B 57 8.38 -11.14 -3.08
CA ALA B 57 8.96 -10.47 -4.23
C ALA B 57 8.60 -9.00 -4.09
N SER B 58 9.60 -8.15 -4.21
CA SER B 58 9.38 -6.71 -4.27
C SER B 58 8.98 -6.35 -5.69
N LEU B 59 7.82 -5.72 -5.85
CA LEU B 59 7.24 -5.43 -7.16
C LEU B 59 7.45 -3.98 -7.60
N PHE B 60 7.08 -3.03 -6.74
CA PHE B 60 7.20 -1.60 -7.02
C PHE B 60 8.22 -1.01 -6.06
N LYS B 61 9.20 -0.30 -6.61
CA LYS B 61 10.23 0.33 -5.80
C LYS B 61 10.26 1.82 -6.10
N GLU B 62 10.06 2.64 -5.06
CA GLU B 62 10.31 4.07 -5.16
C GLU B 62 11.30 4.45 -4.06
N GLU B 63 12.56 4.05 -4.26
CA GLU B 63 13.60 4.34 -3.28
C GLU B 63 13.80 5.85 -3.18
N PRO B 64 14.01 6.39 -1.97
CA PRO B 64 14.01 5.64 -0.70
C PRO B 64 12.70 5.71 0.08
N SER B 65 11.65 6.31 -0.48
CA SER B 65 10.47 6.62 0.32
C SER B 65 9.42 5.50 0.36
N PHE B 66 9.30 4.67 -0.68
CA PHE B 66 8.19 3.73 -0.74
C PHE B 66 8.61 2.46 -1.48
N ALA B 67 8.12 1.31 -1.01
CA ALA B 67 8.30 0.03 -1.69
C ALA B 67 7.07 -0.83 -1.43
N ALA B 68 6.77 -1.74 -2.37
CA ALA B 68 5.62 -2.62 -2.21
C ALA B 68 5.88 -3.96 -2.88
N GLY B 69 5.23 -5.01 -2.37
CA GLY B 69 5.42 -6.33 -2.92
C GLY B 69 4.38 -7.31 -2.43
N VAL B 70 4.69 -8.59 -2.61
CA VAL B 70 3.80 -9.69 -2.23
C VAL B 70 4.58 -10.70 -1.40
N VAL B 71 3.94 -11.18 -0.34
CA VAL B 71 4.44 -12.25 0.51
C VAL B 71 3.36 -13.33 0.56
N GLU B 72 3.79 -14.60 0.49
CA GLU B 72 2.95 -15.78 0.69
C GLU B 72 3.49 -16.60 1.84
N MSE B 73 2.59 -17.21 2.61
CA MSE B 73 3.02 -18.06 3.72
C MSE B 73 2.37 -19.43 3.63
O MSE B 73 1.14 -19.55 3.64
CB MSE B 73 2.68 -17.37 5.03
CG MSE B 73 3.59 -16.19 5.24
SE MSE B 73 3.41 -15.40 6.98
CE MSE B 73 1.72 -14.47 6.74
N PRO B 74 3.19 -20.46 3.53
CA PRO B 74 2.66 -21.83 3.47
C PRO B 74 1.93 -22.19 4.76
N ALA B 75 1.28 -23.35 4.72
CA ALA B 75 0.55 -23.83 5.88
C ALA B 75 1.50 -24.10 7.03
N GLY B 76 1.12 -23.66 8.23
CA GLY B 76 1.98 -23.85 9.38
C GLY B 76 3.19 -22.96 9.43
N ALA B 77 3.18 -21.84 8.72
CA ALA B 77 4.32 -20.94 8.72
C ALA B 77 4.30 -20.01 9.92
N GLU B 78 5.49 -19.66 10.41
CA GLU B 78 5.63 -18.78 11.56
C GLU B 78 6.69 -17.74 11.23
N LYS B 79 6.27 -16.48 11.05
CA LYS B 79 7.21 -15.38 10.86
C LYS B 79 7.61 -14.82 12.21
N PRO B 80 8.89 -14.88 12.60
CA PRO B 80 9.27 -14.41 13.94
C PRO B 80 9.14 -12.91 14.07
N VAL B 81 9.04 -12.45 15.32
CA VAL B 81 8.82 -11.03 15.59
C VAL B 81 9.97 -10.22 15.00
N LYS B 82 9.62 -9.12 14.35
CA LYS B 82 10.61 -8.20 13.81
C LYS B 82 10.17 -6.78 14.12
N PRO B 83 11.12 -5.85 14.24
CA PRO B 83 10.77 -4.45 14.46
C PRO B 83 10.55 -3.71 13.15
N SER B 84 9.59 -2.78 13.19
CA SER B 84 9.32 -1.94 12.02
C SER B 84 10.35 -0.84 11.83
N LYS B 85 11.04 -0.44 12.89
CA LYS B 85 12.09 0.61 12.86
C LYS B 85 11.50 1.87 12.22
N HIS B 86 12.16 2.46 11.23
CA HIS B 86 11.75 3.74 10.67
C HIS B 86 10.73 3.62 9.55
N ASN B 87 10.20 2.43 9.31
CA ASN B 87 9.20 2.21 8.27
C ASN B 87 7.85 1.94 8.90
N ILE B 88 6.80 2.48 8.27
CA ILE B 88 5.43 2.06 8.56
C ILE B 88 5.10 0.92 7.60
N MSE B 89 4.68 -0.22 8.15
CA MSE B 89 4.29 -1.37 7.35
C MSE B 89 2.80 -1.35 7.10
O MSE B 89 2.04 -0.93 7.96
CB MSE B 89 4.64 -2.69 8.04
CG MSE B 89 5.92 -2.69 8.85
SE MSE B 89 7.46 -3.12 7.76
CE MSE B 89 6.97 -4.93 7.18
N SER B 90 2.41 -1.82 5.92
CA SER B 90 1.02 -2.08 5.57
C SER B 90 0.90 -3.48 5.01
N PHE B 91 -0.18 -4.17 5.37
CA PHE B 91 -0.45 -5.51 4.85
C PHE B 91 -1.92 -5.58 4.47
N CYS B 92 -2.19 -6.13 3.29
CA CYS B 92 -3.55 -6.46 2.88
C CYS B 92 -3.63 -7.95 2.59
N ILE B 93 -4.57 -8.63 3.23
CA ILE B 93 -4.65 -10.08 3.19
C ILE B 93 -5.56 -10.47 2.05
N LEU B 94 -4.99 -11.10 1.02
CA LEU B 94 -5.76 -11.49 -0.15
C LEU B 94 -6.37 -12.86 -0.01
N GLN B 95 -5.76 -13.76 0.76
CA GLN B 95 -6.27 -15.12 0.91
C GLN B 95 -5.64 -15.78 2.13
N GLY B 96 -6.39 -16.66 2.77
CA GLY B 96 -5.88 -17.46 3.85
C GLY B 96 -6.34 -16.97 5.21
N LYS B 97 -5.71 -17.52 6.24
CA LYS B 97 -6.00 -17.14 7.62
C LYS B 97 -4.69 -16.93 8.37
N ILE B 98 -4.58 -15.80 9.07
CA ILE B 98 -3.38 -15.45 9.83
C ILE B 98 -3.79 -14.93 11.19
N GLU B 99 -2.91 -15.15 12.18
CA GLU B 99 -2.99 -14.52 13.49
C GLU B 99 -1.74 -13.66 13.65
N VAL B 100 -1.96 -12.38 13.94
CA VAL B 100 -0.88 -11.42 13.96
C VAL B 100 -0.82 -10.68 15.29
N THR B 101 0.40 -10.50 15.80
CA THR B 101 0.75 -9.66 16.95
C THR B 101 1.40 -8.35 16.54
N VAL B 102 0.78 -7.27 17.02
CA VAL B 102 1.39 -5.94 16.97
C VAL B 102 1.48 -5.47 18.40
N ASN B 103 2.69 -5.46 18.96
CA ASN B 103 2.96 -4.91 20.30
C ASN B 103 2.12 -5.59 21.40
N ALA B 104 2.18 -6.92 21.42
CA ALA B 104 1.53 -7.76 22.44
C ALA B 104 0.01 -7.65 22.45
N THR B 105 -0.59 -7.07 21.41
CA THR B 105 -2.03 -7.16 21.17
C THR B 105 -2.21 -8.03 19.94
N THR B 106 -3.01 -9.10 20.07
CA THR B 106 -3.15 -10.12 19.05
C THR B 106 -4.55 -10.17 18.45
N PHE B 107 -4.61 -10.40 17.12
CA PHE B 107 -5.84 -10.41 16.35
C PHE B 107 -5.69 -11.39 15.18
N ARG B 108 -6.78 -11.96 14.71
CA ARG B 108 -6.67 -12.68 13.46
C ARG B 108 -7.62 -12.07 12.45
N MSE B 109 -7.46 -12.50 11.20
CA MSE B 109 -7.87 -11.73 10.05
C MSE B 109 -7.80 -12.69 8.87
O MSE B 109 -6.85 -13.46 8.76
CB MSE B 109 -6.91 -10.55 9.81
CG MSE B 109 -7.44 -9.21 10.24
SE MSE B 109 -6.23 -7.76 9.77
CE MSE B 109 -7.19 -6.32 10.65
N LYS B 110 -8.81 -12.67 8.01
CA LYS B 110 -8.70 -13.27 6.70
C LYS B 110 -8.89 -12.19 5.64
N LYS B 111 -9.37 -12.64 4.48
CA LYS B 111 -9.43 -11.85 3.26
C LYS B 111 -10.11 -10.51 3.48
N ASP B 112 -9.51 -9.47 2.89
CA ASP B 112 -10.00 -8.10 2.92
C ASP B 112 -9.78 -7.43 4.26
N GLY B 113 -8.90 -7.97 5.10
CA GLY B 113 -8.46 -7.29 6.30
C GLY B 113 -7.13 -6.64 6.01
N VAL B 114 -6.91 -5.48 6.63
CA VAL B 114 -5.65 -4.76 6.53
C VAL B 114 -5.21 -4.32 7.92
N PHE B 115 -3.91 -4.34 8.16
CA PHE B 115 -3.36 -3.80 9.39
C PHE B 115 -2.05 -3.09 9.08
N ILE B 116 -1.69 -2.15 9.95
CA ILE B 116 -0.46 -1.38 9.82
C ILE B 116 0.43 -1.70 11.00
N VAL B 117 1.73 -1.64 10.77
CA VAL B 117 2.69 -1.65 11.85
C VAL B 117 3.36 -0.28 11.83
N PRO B 118 2.97 0.64 12.70
CA PRO B 118 3.59 1.98 12.69
C PRO B 118 5.08 1.87 12.96
N ARG B 119 5.79 2.94 12.61
CA ARG B 119 7.23 3.00 12.90
C ARG B 119 7.47 2.84 14.39
N GLY B 120 8.56 2.16 14.73
CA GLY B 120 8.94 1.96 16.12
C GLY B 120 8.14 0.92 16.88
N ASN B 121 7.64 -0.11 16.20
CA ASN B 121 6.83 -1.15 16.82
C ASN B 121 7.32 -2.53 16.40
N TYR B 122 6.72 -3.56 16.98
CA TYR B 122 7.08 -4.95 16.73
C TYR B 122 5.89 -5.73 16.19
N TYR B 123 6.16 -6.66 15.28
CA TYR B 123 5.08 -7.43 14.68
C TYR B 123 5.54 -8.86 14.39
N SER B 124 4.57 -9.78 14.39
CA SER B 124 4.78 -11.16 13.99
C SER B 124 3.51 -11.66 13.33
N ILE B 125 3.65 -12.67 12.47
CA ILE B 125 2.51 -13.24 11.74
C ILE B 125 2.64 -14.75 11.68
N LYS B 126 1.53 -15.45 11.86
CA LYS B 126 1.49 -16.90 11.80
C LYS B 126 0.32 -17.36 10.92
N ASN B 127 0.57 -18.34 10.06
CA ASN B 127 -0.50 -18.94 9.27
C ASN B 127 -1.26 -19.96 10.11
N ILE B 128 -2.54 -19.68 10.36
CA ILE B 128 -3.40 -20.53 11.18
C ILE B 128 -4.40 -21.31 10.33
N GLY B 129 -4.20 -21.32 9.02
CA GLY B 129 -5.07 -22.04 8.12
C GLY B 129 -4.24 -23.03 7.33
N LYS B 130 -4.94 -23.86 6.53
CA LYS B 130 -4.23 -24.85 5.73
C LYS B 130 -4.16 -24.48 4.26
N GLU B 131 -4.78 -23.38 3.84
CA GLU B 131 -4.43 -22.77 2.57
C GLU B 131 -3.28 -21.81 2.82
N ALA B 132 -2.42 -21.66 1.82
CA ALA B 132 -1.36 -20.67 1.92
C ALA B 132 -1.94 -19.26 1.96
N VAL B 133 -1.30 -18.39 2.73
CA VAL B 133 -1.75 -17.00 2.85
C VAL B 133 -0.89 -16.19 1.89
N ARG B 134 -1.49 -15.19 1.25
CA ARG B 134 -0.82 -14.38 0.27
C ARG B 134 -1.15 -12.95 0.69
N LEU B 135 -0.12 -12.09 0.81
CA LEU B 135 -0.33 -10.72 1.27
C LEU B 135 0.28 -9.72 0.30
N TYR B 136 -0.39 -8.58 0.19
CA TYR B 136 0.15 -7.40 -0.46
C TYR B 136 0.71 -6.46 0.60
N TYR B 137 2.01 -6.17 0.53
CA TYR B 137 2.64 -5.32 1.53
C TYR B 137 3.13 -4.02 0.93
N THR B 138 3.14 -2.98 1.75
CA THR B 138 3.81 -1.72 1.43
C THR B 138 4.57 -1.29 2.68
N HIS B 139 5.75 -0.71 2.49
CA HIS B 139 6.41 0.00 3.57
C HIS B 139 6.86 1.36 3.06
N ALA B 140 6.83 2.33 3.98
CA ALA B 140 7.10 3.72 3.66
C ALA B 140 7.83 4.36 4.83
N THR B 141 8.57 5.42 4.54
CA THR B 141 9.32 6.12 5.57
C THR B 141 9.35 7.61 5.24
N ASP B 142 9.57 8.41 6.27
CA ASP B 142 9.57 9.87 6.15
C ASP B 142 11.00 10.33 5.91
N THR B 143 11.32 10.62 4.65
CA THR B 143 12.70 10.88 4.27
C THR B 143 13.23 12.16 4.90
N LEU B 144 12.38 13.19 5.00
CA LEU B 144 12.79 14.42 5.68
C LEU B 144 13.05 14.14 7.16
N GLU B 145 12.13 13.44 7.82
CA GLU B 145 12.29 13.15 9.24
C GLU B 145 13.52 12.28 9.49
N ASN B 146 13.74 11.29 8.63
CA ASN B 146 14.93 10.44 8.78
C ASN B 146 16.20 11.27 8.69
N LYS B 147 16.22 12.26 7.80
CA LYS B 147 17.41 13.10 7.70
C LYS B 147 17.62 13.93 8.97
N ARG B 148 16.54 14.50 9.51
CA ARG B 148 16.70 15.39 10.67
C ARG B 148 16.96 14.63 11.97
N ARG B 149 16.41 13.42 12.11
CA ARG B 149 16.56 12.66 13.35
C ARG B 149 17.45 11.43 13.23
N GLY B 150 17.84 11.04 12.04
CA GLY B 150 18.59 9.82 11.87
C GLY B 150 17.69 8.60 11.76
N ILE B 151 18.33 7.47 11.50
CA ILE B 151 17.67 6.20 11.25
C ILE B 151 17.82 5.24 12.43
N GLY B 152 18.61 5.60 13.44
CA GLY B 152 18.98 4.72 14.52
C GLY B 152 20.41 4.23 14.44
N ASP B 153 21.14 4.59 13.38
CA ASP B 153 22.53 4.21 13.22
C ASP B 153 23.41 5.31 13.82
N PHE B 154 24.72 5.06 13.82
CA PHE B 154 25.64 6.05 14.36
C PHE B 154 25.56 7.33 13.55
N PRO B 155 25.75 8.49 14.20
CA PRO B 155 25.76 8.71 15.65
C PRO B 155 24.38 8.85 16.31
N ASN B 156 23.30 8.56 15.59
CA ASN B 156 21.94 8.79 16.07
C ASN B 156 21.33 7.53 16.68
N GLU B 157 22.05 6.82 17.54
CA GLU B 157 21.51 5.61 18.13
C GLU B 157 20.33 5.95 19.06
N ARG B 158 19.27 5.15 18.95
CA ARG B 158 18.04 5.41 19.70
C ARG B 158 17.90 4.52 20.94
#